data_7Z7E
#
_entry.id   7Z7E
#
_cell.length_a   96.578
_cell.length_b   96.578
_cell.length_c   77.071
_cell.angle_alpha   90.000
_cell.angle_beta   90.000
_cell.angle_gamma   120.000
#
_symmetry.space_group_name_H-M   'P 31 2 1'
#
loop_
_entity.id
_entity.type
_entity.pdbx_description
1 polymer 'Isoform 4 of Tumor protein 63'
2 polymer DARPIN
3 non-polymer 'ZINC ION'
4 water water
#
loop_
_entity_poly.entity_id
_entity_poly.type
_entity_poly.pdbx_seq_one_letter_code
_entity_poly.pdbx_strand_id
1 'polypeptide(L)'
;GSSPAIPSNTDYPGPHSFDVSFQQSSTAKSATWTYSTELKKLYCQIAKTCPIQIKVMTPPPQGAVIRAMPVYKKAEHVTE
VVKRCPNHELSREFNEGQIAPPSHLIRVEGNSHAQYVEDPITGRQSVLVPYEPPQVGTEFTTVLYNFMCNSSCVGGMNRR
PILIIVTLETRDGQVLGRRCFEARICACPGRDRKADEDSIRKQQ
;
A
2 'polypeptide(L)'
;GSDLGKKLLEAARAGQDDEVRILMANGADVNAADHSGDTPLHLAAMEGHLEIVEVLLKTGADVNAHDLEGYTPLHLAAYH
GHLEIVEVLLKAGADVNAWDSYGYTPLHLAAMTGHLEIVEVLLKHGADVNAQDKFGKTPFDLAIDNGNEDIAEVLQKAA
;
B
#
loop_
_chem_comp.id
_chem_comp.type
_chem_comp.name
_chem_comp.formula
ZN non-polymer 'ZINC ION' 'Zn 2'
#
# COMPACT_ATOMS: atom_id res chain seq x y z
N PRO A 4 17.60 -12.36 -22.66
CA PRO A 4 17.17 -13.71 -22.30
C PRO A 4 15.66 -13.75 -22.02
N ALA A 5 15.15 -14.87 -21.53
CA ALA A 5 13.71 -15.05 -21.23
C ALA A 5 13.40 -14.49 -19.83
N ILE A 6 14.22 -14.81 -18.81
CA ILE A 6 14.09 -14.23 -17.45
C ILE A 6 14.55 -12.77 -17.53
N PRO A 7 13.72 -11.79 -17.09
CA PRO A 7 14.11 -10.38 -17.19
C PRO A 7 15.28 -10.05 -16.26
N SER A 8 16.26 -9.31 -16.76
CA SER A 8 17.42 -8.83 -15.95
C SER A 8 16.91 -7.86 -14.88
N ASN A 9 17.48 -7.88 -13.68
CA ASN A 9 17.12 -6.94 -12.59
C ASN A 9 18.37 -6.22 -12.06
N THR A 10 19.28 -5.88 -12.94
CA THR A 10 20.58 -5.23 -12.59
C THR A 10 20.51 -3.81 -13.09
N ASP A 11 20.73 -2.84 -12.20
CA ASP A 11 20.67 -1.41 -12.58
C ASP A 11 21.59 -1.21 -13.77
N TYR A 12 21.19 -0.42 -14.75
CA TYR A 12 21.92 -0.11 -16.01
C TYR A 12 21.65 1.34 -16.38
N PRO A 13 22.48 2.28 -15.88
CA PRO A 13 22.25 3.71 -16.14
C PRO A 13 22.22 3.97 -17.65
N GLY A 14 23.11 3.28 -18.37
CA GLY A 14 23.27 3.37 -19.83
C GLY A 14 23.62 4.77 -20.31
N PRO A 15 23.55 4.98 -21.63
CA PRO A 15 24.06 6.20 -22.25
C PRO A 15 23.33 7.51 -21.92
N HIS A 16 22.14 7.46 -21.34
CA HIS A 16 21.32 8.66 -21.03
C HIS A 16 21.29 8.88 -19.52
N SER A 17 22.09 8.10 -18.77
CA SER A 17 22.25 8.19 -17.31
C SER A 17 20.88 8.07 -16.64
N PHE A 18 20.20 6.94 -16.89
CA PHE A 18 18.78 6.74 -16.49
C PHE A 18 18.75 6.46 -14.99
N ASP A 19 18.01 7.25 -14.23
CA ASP A 19 17.84 6.92 -12.80
C ASP A 19 16.39 7.09 -12.38
N VAL A 20 16.05 6.40 -11.31
CA VAL A 20 14.68 6.41 -10.73
C VAL A 20 14.80 6.80 -9.28
N SER A 21 14.03 7.81 -8.89
CA SER A 21 14.02 8.33 -7.50
C SER A 21 12.57 8.60 -7.09
N PHE A 22 12.41 8.75 -5.78
CA PHE A 22 11.14 9.01 -5.07
C PHE A 22 11.29 10.30 -4.27
N GLN A 23 10.23 11.09 -4.15
CA GLN A 23 10.17 12.40 -3.45
C GLN A 23 8.79 12.54 -2.82
N GLN A 24 8.71 12.63 -1.49
CA GLN A 24 7.48 13.07 -0.77
C GLN A 24 7.29 14.57 -1.01
N SER A 25 6.13 14.99 -1.52
CA SER A 25 5.67 16.41 -1.63
C SER A 25 4.73 16.72 -0.45
N SER A 26 3.89 17.76 -0.57
CA SER A 26 2.97 18.25 0.50
C SER A 26 1.75 17.33 0.60
N ALA A 31 -0.86 11.23 0.58
CA ALA A 31 -0.43 9.94 -0.04
C ALA A 31 0.21 9.05 1.03
N THR A 32 0.09 7.73 0.90
CA THR A 32 0.35 6.82 2.03
C THR A 32 1.53 5.95 1.68
N TRP A 33 2.29 6.30 0.65
CA TRP A 33 3.47 5.47 0.27
C TRP A 33 4.69 5.98 1.01
N THR A 34 5.66 5.10 1.22
CA THR A 34 7.00 5.47 1.74
C THR A 34 8.04 4.67 0.97
N TYR A 35 9.15 5.33 0.61
CA TYR A 35 10.28 4.69 -0.10
C TYR A 35 11.54 4.73 0.75
N SER A 36 12.09 3.55 1.03
CA SER A 36 13.38 3.45 1.74
C SER A 36 14.53 3.45 0.71
N THR A 37 15.22 4.59 0.55
CA THR A 37 16.45 4.75 -0.29
C THR A 37 17.50 3.71 0.14
N GLU A 38 17.51 3.35 1.43
CA GLU A 38 18.41 2.31 1.99
C GLU A 38 18.07 0.94 1.39
N LEU A 39 16.87 0.39 1.62
CA LEU A 39 16.48 -0.97 1.15
C LEU A 39 16.03 -0.98 -0.32
N LYS A 40 16.01 0.16 -1.00
CA LYS A 40 15.52 0.33 -2.38
C LYS A 40 14.16 -0.36 -2.41
N LYS A 41 13.26 0.01 -1.49
CA LYS A 41 11.96 -0.69 -1.33
C LYS A 41 10.83 0.34 -1.19
N LEU A 42 9.82 0.23 -2.07
CA LEU A 42 8.59 1.02 -2.04
C LEU A 42 7.55 0.28 -1.19
N TYR A 43 6.95 0.99 -0.24
CA TYR A 43 5.82 0.51 0.58
C TYR A 43 4.61 1.36 0.20
N CYS A 44 3.54 0.72 -0.25
CA CYS A 44 2.41 1.48 -0.81
C CYS A 44 1.12 0.68 -0.55
N GLN A 45 0.01 1.37 -0.76
CA GLN A 45 -1.34 0.77 -0.63
C GLN A 45 -1.88 0.44 -2.03
N ILE A 46 -2.72 -0.58 -2.05
CA ILE A 46 -3.42 -1.07 -3.28
C ILE A 46 -4.17 0.11 -3.93
N ALA A 47 -3.99 0.27 -5.23
CA ALA A 47 -4.76 1.16 -6.12
C ALA A 47 -4.40 2.65 -5.88
N LYS A 48 -3.49 2.99 -4.97
CA LYS A 48 -3.21 4.40 -4.64
C LYS A 48 -2.00 4.89 -5.42
N THR A 49 -2.01 6.18 -5.76
CA THR A 49 -0.99 6.88 -6.57
C THR A 49 0.40 6.78 -5.93
N CYS A 50 1.32 6.20 -6.68
CA CYS A 50 2.77 6.15 -6.35
C CYS A 50 3.52 6.89 -7.45
N PRO A 51 3.92 8.15 -7.18
CA PRO A 51 4.73 8.89 -8.14
C PRO A 51 6.20 8.43 -8.12
N ILE A 52 6.73 8.25 -9.33
CA ILE A 52 8.15 7.85 -9.54
C ILE A 52 8.80 8.88 -10.46
N GLN A 53 10.00 9.31 -10.10
CA GLN A 53 10.72 10.36 -10.87
C GLN A 53 11.82 9.72 -11.70
N ILE A 54 11.77 9.96 -13.01
CA ILE A 54 12.79 9.55 -14.03
C ILE A 54 13.74 10.75 -14.28
N LYS A 55 15.03 10.50 -14.14
CA LYS A 55 16.13 11.43 -14.50
C LYS A 55 16.85 10.89 -15.73
N VAL A 56 17.14 11.74 -16.72
CA VAL A 56 18.20 11.47 -17.73
C VAL A 56 19.16 12.66 -17.78
N MET A 57 20.35 12.46 -18.38
CA MET A 57 21.38 13.52 -18.58
C MET A 57 21.37 13.98 -20.04
N THR A 58 21.17 13.08 -21.00
CA THR A 58 20.97 13.40 -22.44
C THR A 58 19.61 12.88 -22.89
N PRO A 59 18.97 13.52 -23.89
CA PRO A 59 17.63 13.14 -24.35
C PRO A 59 17.61 11.76 -25.02
N PRO A 60 16.74 10.83 -24.57
CA PRO A 60 16.54 9.58 -25.29
C PRO A 60 16.18 9.85 -26.76
N PRO A 61 16.31 8.85 -27.67
CA PRO A 61 15.92 9.02 -29.05
C PRO A 61 14.40 9.18 -29.22
N GLN A 62 14.02 9.59 -30.42
CA GLN A 62 12.62 9.74 -30.87
C GLN A 62 11.94 8.39 -30.64
N GLY A 63 10.78 8.41 -29.97
CA GLY A 63 9.93 7.22 -29.83
C GLY A 63 10.32 6.36 -28.66
N ALA A 64 11.24 6.81 -27.81
CA ALA A 64 11.66 6.07 -26.59
C ALA A 64 10.47 5.88 -25.66
N VAL A 65 10.52 4.85 -24.81
CA VAL A 65 9.44 4.55 -23.83
C VAL A 65 10.02 4.15 -22.49
N ILE A 66 9.19 4.23 -21.46
CA ILE A 66 9.45 3.78 -20.09
C ILE A 66 8.49 2.63 -19.78
N ARG A 67 9.03 1.45 -19.48
CA ARG A 67 8.24 0.24 -19.16
C ARG A 67 8.43 -0.07 -17.68
N ALA A 68 7.37 -0.49 -17.02
CA ALA A 68 7.38 -1.03 -15.66
C ALA A 68 6.85 -2.44 -15.76
N MET A 69 7.65 -3.39 -15.25
CA MET A 69 7.32 -4.83 -15.21
C MET A 69 7.60 -5.35 -13.82
N PRO A 70 6.64 -6.05 -13.17
CA PRO A 70 6.89 -6.74 -11.92
C PRO A 70 7.52 -8.10 -12.23
N VAL A 71 8.47 -8.52 -11.40
CA VAL A 71 9.09 -9.87 -11.42
C VAL A 71 9.23 -10.32 -9.97
N TYR A 72 9.09 -11.62 -9.70
CA TYR A 72 9.33 -12.18 -8.35
C TYR A 72 10.83 -12.01 -8.04
N LYS A 73 11.13 -11.67 -6.79
CA LYS A 73 12.51 -11.40 -6.35
C LYS A 73 13.27 -12.72 -6.13
N LYS A 74 12.65 -13.70 -5.49
CA LYS A 74 13.32 -14.95 -5.02
C LYS A 74 13.58 -15.86 -6.23
N ALA A 75 14.73 -16.52 -6.25
CA ALA A 75 15.14 -17.45 -7.33
C ALA A 75 14.03 -18.48 -7.58
N GLU A 76 13.37 -19.01 -6.56
CA GLU A 76 12.39 -20.13 -6.69
C GLU A 76 11.17 -19.66 -7.49
N HIS A 77 10.92 -18.36 -7.53
CA HIS A 77 9.63 -17.81 -8.05
C HIS A 77 9.82 -17.03 -9.34
N VAL A 78 11.06 -16.73 -9.72
CA VAL A 78 11.37 -15.71 -10.75
C VAL A 78 10.73 -16.11 -12.10
N THR A 79 10.56 -17.40 -12.42
CA THR A 79 9.98 -17.82 -13.73
C THR A 79 8.49 -17.50 -13.79
N GLU A 80 7.83 -17.29 -12.67
CA GLU A 80 6.35 -17.18 -12.63
C GLU A 80 5.93 -15.74 -12.95
N VAL A 81 5.00 -15.56 -13.89
CA VAL A 81 4.52 -14.19 -14.22
C VAL A 81 3.81 -13.62 -12.98
N VAL A 82 4.17 -12.40 -12.61
CA VAL A 82 3.45 -11.64 -11.58
C VAL A 82 2.20 -11.04 -12.23
N LYS A 83 1.04 -11.35 -11.68
CA LYS A 83 -0.21 -10.70 -12.13
C LYS A 83 -1.18 -10.71 -10.97
N ARG A 84 -2.38 -10.19 -11.19
CA ARG A 84 -3.33 -10.03 -10.08
C ARG A 84 -3.95 -11.36 -9.75
N CYS A 85 -4.41 -11.49 -8.51
CA CYS A 85 -5.18 -12.67 -8.04
C CYS A 85 -6.54 -12.71 -8.73
N PRO A 86 -7.12 -13.91 -8.89
CA PRO A 86 -8.46 -14.02 -9.47
C PRO A 86 -9.49 -13.14 -8.76
N ASN A 87 -9.50 -13.10 -7.40
CA ASN A 87 -10.43 -12.21 -6.66
C ASN A 87 -10.37 -10.80 -7.26
N HIS A 88 -9.20 -10.19 -7.40
CA HIS A 88 -9.08 -8.78 -7.85
C HIS A 88 -9.32 -8.67 -9.36
N GLU A 89 -8.90 -9.66 -10.15
CA GLU A 89 -9.05 -9.65 -11.62
C GLU A 89 -10.57 -9.60 -11.97
N LEU A 90 -11.37 -10.32 -11.21
CA LEU A 90 -12.78 -10.61 -11.58
C LEU A 90 -13.73 -9.66 -10.85
N SER A 91 -13.26 -8.90 -9.88
CA SER A 91 -14.09 -7.98 -9.06
C SER A 91 -14.55 -6.80 -9.93
N ARG A 92 -15.63 -6.13 -9.54
CA ARG A 92 -16.00 -4.79 -10.06
C ARG A 92 -15.03 -3.73 -9.53
N GLU A 93 -14.60 -3.90 -8.28
CA GLU A 93 -13.71 -2.94 -7.56
C GLU A 93 -12.46 -2.70 -8.41
N PHE A 94 -12.12 -1.43 -8.62
CA PHE A 94 -10.92 -0.92 -9.32
C PHE A 94 -11.01 -1.25 -10.81
N ASN A 95 -12.07 -1.89 -11.31
CA ASN A 95 -12.02 -2.44 -12.69
C ASN A 95 -13.02 -1.73 -13.63
N GLU A 96 -13.87 -0.82 -13.15
CA GLU A 96 -14.81 -0.03 -14.01
C GLU A 96 -14.05 0.97 -14.91
N GLY A 97 -14.20 0.83 -16.23
CA GLY A 97 -13.72 1.79 -17.25
C GLY A 97 -12.20 2.02 -17.19
N GLN A 98 -11.40 0.97 -17.38
CA GLN A 98 -9.92 1.00 -17.47
C GLN A 98 -9.44 0.70 -18.90
N ILE A 99 -8.37 1.31 -19.37
CA ILE A 99 -7.61 0.75 -20.53
C ILE A 99 -6.89 -0.52 -20.04
N ALA A 100 -6.45 -0.53 -18.78
CA ALA A 100 -5.66 -1.63 -18.19
C ALA A 100 -6.53 -2.89 -18.20
N PRO A 101 -5.98 -3.99 -18.74
CA PRO A 101 -6.61 -5.28 -18.58
C PRO A 101 -6.66 -5.54 -17.08
N PRO A 102 -7.74 -6.19 -16.62
CA PRO A 102 -7.93 -6.38 -15.20
C PRO A 102 -6.97 -7.39 -14.53
N SER A 103 -6.14 -8.10 -15.29
CA SER A 103 -5.13 -9.03 -14.72
C SER A 103 -3.80 -8.31 -14.43
N HIS A 104 -3.58 -7.12 -14.98
CA HIS A 104 -2.26 -6.41 -14.86
C HIS A 104 -2.07 -5.86 -13.44
N LEU A 105 -0.98 -6.23 -12.75
CA LEU A 105 -0.71 -5.68 -11.42
C LEU A 105 -0.40 -4.18 -11.53
N ILE A 106 0.41 -3.78 -12.51
CA ILE A 106 0.91 -2.37 -12.63
C ILE A 106 0.05 -1.63 -13.63
N ARG A 107 -0.51 -0.52 -13.17
CA ARG A 107 -1.19 0.45 -14.04
C ARG A 107 -0.43 1.77 -14.04
N VAL A 108 -0.61 2.53 -15.09
CA VAL A 108 -0.24 3.97 -15.12
C VAL A 108 -1.51 4.80 -14.95
N GLU A 109 -1.42 5.83 -14.11
CA GLU A 109 -2.48 6.82 -13.81
C GLU A 109 -2.16 8.08 -14.58
N GLY A 110 -3.14 8.65 -15.29
CA GLY A 110 -3.03 10.04 -15.79
C GLY A 110 -2.34 10.17 -17.13
N ASN A 111 -2.25 9.09 -17.90
CA ASN A 111 -1.63 9.13 -19.24
C ASN A 111 -2.44 8.24 -20.17
N SER A 112 -3.26 8.84 -21.03
CA SER A 112 -4.06 8.12 -22.05
C SER A 112 -3.14 7.45 -23.09
N HIS A 113 -1.81 7.64 -23.04
CA HIS A 113 -0.90 6.95 -23.98
C HIS A 113 -0.25 5.71 -23.33
N ALA A 114 -0.69 5.28 -22.15
CA ALA A 114 -0.21 4.01 -21.55
C ALA A 114 -0.56 2.86 -22.49
N GLN A 115 0.39 1.98 -22.76
CA GLN A 115 0.18 0.76 -23.57
C GLN A 115 0.37 -0.41 -22.62
N TYR A 116 -0.56 -1.35 -22.61
CA TYR A 116 -0.50 -2.57 -21.77
C TYR A 116 -0.07 -3.70 -22.71
N VAL A 117 0.98 -4.38 -22.32
CA VAL A 117 1.63 -5.41 -23.17
C VAL A 117 1.59 -6.73 -22.43
N GLU A 118 1.29 -7.80 -23.15
CA GLU A 118 1.47 -9.15 -22.61
C GLU A 118 2.18 -9.96 -23.70
N ASP A 119 3.37 -10.43 -23.37
CA ASP A 119 4.19 -11.22 -24.33
C ASP A 119 3.50 -12.56 -24.57
N PRO A 120 3.29 -12.91 -25.84
CA PRO A 120 2.64 -14.17 -26.20
C PRO A 120 3.37 -15.45 -25.75
N ILE A 121 4.70 -15.38 -25.60
CA ILE A 121 5.62 -16.51 -25.25
C ILE A 121 5.88 -16.52 -23.76
N THR A 122 6.40 -15.43 -23.20
CA THR A 122 6.81 -15.42 -21.76
C THR A 122 5.58 -15.27 -20.88
N GLY A 123 4.50 -14.68 -21.43
CA GLY A 123 3.29 -14.34 -20.68
C GLY A 123 3.51 -13.10 -19.83
N ARG A 124 4.69 -12.47 -19.88
CA ARG A 124 4.98 -11.28 -19.03
C ARG A 124 4.03 -10.13 -19.39
N GLN A 125 3.49 -9.49 -18.35
CA GLN A 125 2.67 -8.28 -18.46
C GLN A 125 3.46 -7.06 -17.98
N SER A 126 3.31 -5.98 -18.70
CA SER A 126 4.02 -4.73 -18.40
C SER A 126 3.21 -3.58 -18.94
N VAL A 127 3.58 -2.38 -18.53
CA VAL A 127 2.90 -1.16 -19.01
C VAL A 127 3.99 -0.18 -19.41
N LEU A 128 3.81 0.40 -20.60
CA LEU A 128 4.72 1.38 -21.27
C LEU A 128 4.04 2.74 -21.32
N VAL A 129 4.83 3.81 -21.20
CA VAL A 129 4.44 5.16 -21.64
C VAL A 129 5.51 5.69 -22.56
N PRO A 130 5.16 6.56 -23.53
CA PRO A 130 6.13 7.32 -24.30
C PRO A 130 7.00 8.18 -23.36
N TYR A 131 8.34 8.17 -23.55
CA TYR A 131 9.24 9.04 -22.74
C TYR A 131 8.92 10.48 -23.10
N GLU A 132 8.72 11.32 -22.09
CA GLU A 132 8.51 12.79 -22.23
C GLU A 132 9.54 13.50 -21.35
N PRO A 133 10.20 14.55 -21.88
CA PRO A 133 11.20 15.28 -21.09
C PRO A 133 10.43 16.00 -20.00
N PRO A 134 11.09 16.40 -18.88
CA PRO A 134 10.44 17.11 -17.80
C PRO A 134 9.85 18.44 -18.30
N GLN A 135 9.00 19.05 -17.48
CA GLN A 135 8.01 20.11 -17.85
C GLN A 135 8.72 21.33 -18.47
N VAL A 136 9.81 21.81 -17.83
CA VAL A 136 10.67 23.00 -18.14
C VAL A 136 11.04 23.59 -16.77
N GLY A 137 12.33 23.80 -16.50
CA GLY A 137 12.81 24.24 -15.18
C GLY A 137 12.76 23.10 -14.17
N THR A 138 11.89 22.10 -14.39
CA THR A 138 11.77 20.85 -13.58
C THR A 138 12.90 19.88 -13.97
N GLU A 139 13.37 19.09 -13.02
CA GLU A 139 14.52 18.15 -13.15
C GLU A 139 14.04 16.81 -13.73
N PHE A 140 12.79 16.42 -13.45
CA PHE A 140 12.34 15.01 -13.47
C PHE A 140 11.11 14.83 -14.36
N THR A 141 11.02 13.66 -15.01
CA THR A 141 9.79 13.19 -15.69
C THR A 141 9.04 12.34 -14.66
N THR A 142 7.82 12.71 -14.27
CA THR A 142 7.07 11.96 -13.22
C THR A 142 6.13 10.96 -13.91
N VAL A 143 6.17 9.70 -13.50
CA VAL A 143 5.20 8.66 -13.91
C VAL A 143 4.39 8.26 -12.67
N LEU A 144 3.06 8.31 -12.78
CA LEU A 144 2.17 7.86 -11.69
C LEU A 144 1.82 6.39 -11.93
N TYR A 145 2.18 5.55 -10.96
CA TYR A 145 1.87 4.10 -10.96
C TYR A 145 0.79 3.79 -9.93
N ASN A 146 -0.02 2.77 -10.23
CA ASN A 146 -0.87 2.12 -9.22
C ASN A 146 -0.57 0.63 -9.21
N PHE A 147 -0.45 0.03 -8.03
CA PHE A 147 -0.26 -1.42 -7.80
C PHE A 147 -1.58 -2.01 -7.31
N MET A 148 -2.08 -3.03 -7.99
CA MET A 148 -3.52 -3.39 -7.99
C MET A 148 -3.82 -4.68 -7.21
N CYS A 149 -2.85 -5.27 -6.50
CA CYS A 149 -3.01 -6.38 -5.52
C CYS A 149 -2.12 -6.10 -4.32
N ASN A 150 -2.52 -6.56 -3.15
CA ASN A 150 -1.67 -6.63 -1.93
C ASN A 150 -0.62 -7.71 -2.15
N SER A 151 0.56 -7.50 -1.60
CA SER A 151 1.65 -8.52 -1.60
C SER A 151 1.08 -9.84 -1.07
N SER A 152 0.15 -9.79 -0.10
CA SER A 152 -0.40 -10.98 0.58
C SER A 152 -1.48 -11.70 -0.26
N CYS A 153 -1.89 -11.18 -1.42
CA CYS A 153 -3.06 -11.71 -2.16
C CYS A 153 -2.91 -13.22 -2.41
N VAL A 154 -3.80 -14.02 -1.81
CA VAL A 154 -3.86 -15.48 -2.04
C VAL A 154 -4.29 -15.70 -3.50
N GLY A 155 -3.69 -16.71 -4.12
CA GLY A 155 -3.86 -17.01 -5.56
C GLY A 155 -3.14 -16.02 -6.46
N GLY A 156 -2.43 -15.06 -5.89
CA GLY A 156 -1.61 -14.13 -6.68
C GLY A 156 -0.21 -14.11 -6.11
N MET A 157 0.25 -12.96 -5.63
CA MET A 157 1.66 -12.86 -5.17
C MET A 157 1.86 -13.72 -3.91
N ASN A 158 0.80 -13.84 -3.10
CA ASN A 158 0.71 -14.81 -1.98
C ASN A 158 1.90 -14.61 -1.03
N ARG A 159 2.25 -13.36 -0.74
CA ARG A 159 3.26 -12.91 0.25
C ARG A 159 4.68 -13.06 -0.35
N ARG A 160 4.82 -13.36 -1.64
CA ARG A 160 6.15 -13.45 -2.29
C ARG A 160 6.57 -12.04 -2.68
N PRO A 161 7.81 -11.65 -2.33
CA PRO A 161 8.33 -10.32 -2.66
C PRO A 161 8.52 -10.18 -4.17
N ILE A 162 8.24 -8.97 -4.67
CA ILE A 162 8.43 -8.58 -6.08
C ILE A 162 9.39 -7.39 -6.21
N LEU A 163 10.01 -7.33 -7.37
CA LEU A 163 10.77 -6.18 -7.88
C LEU A 163 9.92 -5.55 -8.94
N ILE A 164 9.96 -4.24 -9.00
CA ILE A 164 9.47 -3.46 -10.15
C ILE A 164 10.70 -3.14 -10.99
N ILE A 165 10.70 -3.59 -12.24
CA ILE A 165 11.81 -3.30 -13.19
C ILE A 165 11.35 -2.22 -14.13
N VAL A 166 12.01 -1.07 -14.05
CA VAL A 166 11.71 0.11 -14.88
C VAL A 166 12.80 0.21 -15.94
N THR A 167 12.42 0.20 -17.20
CA THR A 167 13.36 0.20 -18.32
C THR A 167 13.06 1.37 -19.26
N LEU A 168 14.14 2.03 -19.66
CA LEU A 168 14.11 3.02 -20.76
C LEU A 168 14.46 2.26 -22.02
N GLU A 169 13.63 2.37 -23.06
CA GLU A 169 13.77 1.50 -24.24
C GLU A 169 13.54 2.33 -25.48
N THR A 170 14.14 1.93 -26.59
CA THR A 170 13.80 2.45 -27.94
C THR A 170 12.42 1.90 -28.32
N ARG A 171 11.83 2.47 -29.36
CA ARG A 171 10.49 2.04 -29.88
C ARG A 171 10.52 0.53 -30.17
N ASP A 172 11.66 -0.01 -30.63
CA ASP A 172 11.81 -1.41 -31.10
C ASP A 172 12.24 -2.33 -29.95
N GLY A 173 12.29 -1.84 -28.70
CA GLY A 173 12.52 -2.69 -27.53
C GLY A 173 13.99 -2.83 -27.15
N GLN A 174 14.90 -2.02 -27.68
CA GLN A 174 16.31 -2.08 -27.23
C GLN A 174 16.38 -1.41 -25.86
N VAL A 175 16.99 -2.05 -24.85
CA VAL A 175 17.05 -1.48 -23.48
C VAL A 175 18.14 -0.41 -23.44
N LEU A 176 17.78 0.84 -23.17
CA LEU A 176 18.73 1.99 -23.02
C LEU A 176 19.08 2.21 -21.56
N GLY A 177 18.22 1.84 -20.64
CA GLY A 177 18.45 2.00 -19.19
C GLY A 177 17.53 1.12 -18.39
N ARG A 178 17.94 0.73 -17.20
CA ARG A 178 17.16 -0.12 -16.29
C ARG A 178 17.45 0.25 -14.84
N ARG A 179 16.40 0.42 -14.05
CA ARG A 179 16.46 0.50 -12.57
C ARG A 179 15.37 -0.37 -11.96
N CYS A 180 15.66 -0.95 -10.81
CA CYS A 180 14.82 -1.94 -10.09
C CYS A 180 14.62 -1.46 -8.66
N PHE A 181 13.45 -1.67 -8.10
CA PHE A 181 13.21 -1.52 -6.65
C PHE A 181 12.20 -2.57 -6.23
N GLU A 182 12.29 -2.98 -4.98
CA GLU A 182 11.30 -3.90 -4.36
C GLU A 182 10.01 -3.10 -4.09
N ALA A 183 8.86 -3.75 -4.23
CA ALA A 183 7.53 -3.16 -3.90
C ALA A 183 6.83 -4.08 -2.91
N ARG A 184 6.32 -3.48 -1.85
CA ARG A 184 5.47 -4.12 -0.85
C ARG A 184 4.14 -3.39 -0.91
N ILE A 185 3.07 -4.09 -1.26
CA ILE A 185 1.71 -3.47 -1.26
C ILE A 185 1.02 -4.00 -0.02
N CYS A 186 0.70 -3.09 0.91
CA CYS A 186 0.18 -3.46 2.24
C CYS A 186 -0.76 -2.36 2.74
N ALA A 187 -1.36 -2.63 3.89
CA ALA A 187 -2.35 -1.74 4.54
C ALA A 187 -1.65 -0.56 5.21
N CYS A 188 -0.53 -0.76 5.90
CA CYS A 188 0.17 0.32 6.63
C CYS A 188 1.65 0.36 6.23
N PRO A 189 1.98 1.06 5.13
CA PRO A 189 3.34 1.06 4.59
C PRO A 189 4.45 1.35 5.59
N GLY A 190 4.28 2.37 6.45
CA GLY A 190 5.28 2.74 7.48
C GLY A 190 5.50 1.63 8.49
N ARG A 191 4.47 0.86 8.80
CA ARG A 191 4.54 -0.26 9.76
C ARG A 191 5.41 -1.37 9.15
N ASP A 192 5.17 -1.74 7.89
CA ASP A 192 5.95 -2.79 7.19
C ASP A 192 7.41 -2.31 7.06
N ARG A 193 7.61 -1.03 6.71
CA ARG A 193 8.93 -0.38 6.60
C ARG A 193 9.63 -0.49 7.96
N LYS A 194 8.95 -0.09 9.04
CA LYS A 194 9.60 -0.09 10.38
C LYS A 194 10.00 -1.52 10.78
N ALA A 195 9.16 -2.50 10.50
CA ALA A 195 9.44 -3.92 10.82
C ALA A 195 10.67 -4.40 10.02
N ASP A 196 10.73 -4.11 8.74
CA ASP A 196 11.93 -4.41 7.91
C ASP A 196 13.15 -3.75 8.56
N GLU A 197 13.08 -2.45 8.87
CA GLU A 197 14.28 -1.72 9.35
C GLU A 197 14.72 -2.34 10.68
N ASP A 198 13.77 -2.62 11.58
CA ASP A 198 14.08 -3.04 12.98
C ASP A 198 14.56 -4.51 13.02
N SER A 199 14.21 -5.33 12.02
CA SER A 199 14.85 -6.66 11.86
C SER A 199 16.38 -6.51 11.64
N ILE A 200 16.84 -5.30 11.28
CA ILE A 200 18.20 -4.71 11.51
C ILE A 200 19.27 -5.64 10.94
N SER B 2 -21.96 -14.04 -0.07
CA SER B 2 -20.66 -13.67 -0.71
C SER B 2 -20.88 -12.51 -1.69
N ASP B 3 -21.81 -12.68 -2.64
CA ASP B 3 -22.41 -11.59 -3.47
C ASP B 3 -22.45 -10.30 -2.62
N LEU B 4 -23.37 -10.23 -1.65
CA LEU B 4 -23.63 -9.00 -0.84
C LEU B 4 -22.42 -8.66 0.04
N GLY B 5 -21.76 -9.67 0.65
CA GLY B 5 -20.55 -9.51 1.47
C GLY B 5 -19.45 -8.81 0.69
N LYS B 6 -19.16 -9.31 -0.52
CA LYS B 6 -18.17 -8.68 -1.43
C LYS B 6 -18.62 -7.26 -1.74
N LYS B 7 -19.90 -7.04 -2.01
CA LYS B 7 -20.36 -5.68 -2.37
C LYS B 7 -20.17 -4.76 -1.15
N LEU B 8 -20.41 -5.26 0.05
CA LEU B 8 -20.28 -4.45 1.29
C LEU B 8 -18.79 -4.12 1.48
N LEU B 9 -17.89 -5.11 1.33
CA LEU B 9 -16.42 -4.89 1.46
C LEU B 9 -15.96 -3.80 0.50
N GLU B 10 -16.46 -3.79 -0.75
CA GLU B 10 -16.08 -2.80 -1.76
C GLU B 10 -16.62 -1.42 -1.39
N ALA B 11 -17.88 -1.35 -0.93
CA ALA B 11 -18.55 -0.06 -0.69
C ALA B 11 -17.89 0.57 0.54
N ALA B 12 -17.46 -0.26 1.47
CA ALA B 12 -16.88 0.18 2.75
C ALA B 12 -15.52 0.79 2.47
N ARG B 13 -14.73 0.15 1.59
CA ARG B 13 -13.37 0.68 1.25
C ARG B 13 -13.58 1.97 0.47
N ALA B 14 -14.62 2.04 -0.38
CA ALA B 14 -14.79 3.14 -1.34
C ALA B 14 -15.43 4.35 -0.66
N GLY B 15 -16.02 4.19 0.52
CA GLY B 15 -16.73 5.30 1.19
C GLY B 15 -18.09 5.58 0.55
N GLN B 16 -18.77 4.54 0.07
CA GLN B 16 -20.11 4.68 -0.56
C GLN B 16 -21.16 4.49 0.52
N ASP B 17 -21.47 5.58 1.24
CA ASP B 17 -22.33 5.54 2.46
C ASP B 17 -23.69 4.90 2.14
N ASP B 18 -24.35 5.40 1.11
CA ASP B 18 -25.71 4.94 0.69
C ASP B 18 -25.67 3.46 0.33
N GLU B 19 -24.61 3.01 -0.37
CA GLU B 19 -24.54 1.61 -0.85
C GLU B 19 -24.38 0.70 0.37
N VAL B 20 -23.55 1.07 1.33
CA VAL B 20 -23.39 0.33 2.59
C VAL B 20 -24.77 0.19 3.26
N ARG B 21 -25.49 1.31 3.39
CA ARG B 21 -26.81 1.34 4.09
C ARG B 21 -27.81 0.42 3.37
N ILE B 22 -27.87 0.48 2.05
CA ILE B 22 -28.85 -0.36 1.28
C ILE B 22 -28.38 -1.82 1.38
N LEU B 23 -27.06 -2.08 1.41
CA LEU B 23 -26.58 -3.47 1.46
C LEU B 23 -26.94 -4.07 2.82
N MET B 24 -26.77 -3.34 3.92
CA MET B 24 -27.16 -3.85 5.26
C MET B 24 -28.67 -4.13 5.26
N ALA B 25 -29.46 -3.21 4.73
CA ALA B 25 -30.94 -3.33 4.69
C ALA B 25 -31.32 -4.62 3.94
N ASN B 26 -30.54 -5.03 2.94
CA ASN B 26 -30.85 -6.20 2.07
C ASN B 26 -30.23 -7.48 2.64
N GLY B 27 -29.68 -7.42 3.87
CA GLY B 27 -29.20 -8.58 4.63
C GLY B 27 -27.72 -8.89 4.44
N ALA B 28 -26.89 -7.96 3.95
CA ALA B 28 -25.43 -8.21 3.78
C ALA B 28 -24.83 -8.58 5.13
N ASP B 29 -23.87 -9.50 5.16
CA ASP B 29 -23.13 -9.94 6.37
C ASP B 29 -22.17 -8.82 6.80
N VAL B 30 -22.42 -8.18 7.94
CA VAL B 30 -21.60 -7.05 8.47
C VAL B 30 -20.15 -7.51 8.73
N ASN B 31 -19.96 -8.80 9.02
CA ASN B 31 -18.63 -9.39 9.32
C ASN B 31 -18.13 -10.25 8.15
N ALA B 32 -18.60 -10.01 6.94
CA ALA B 32 -17.97 -10.53 5.70
C ALA B 32 -16.48 -10.20 5.79
N ALA B 33 -15.61 -11.13 5.40
CA ALA B 33 -14.14 -10.91 5.42
C ALA B 33 -13.58 -11.27 4.05
N ASP B 34 -12.68 -10.43 3.53
CA ASP B 34 -12.05 -10.64 2.20
C ASP B 34 -10.88 -11.61 2.40
N HIS B 35 -10.10 -11.88 1.35
CA HIS B 35 -9.02 -12.91 1.42
C HIS B 35 -7.80 -12.40 2.20
N SER B 36 -7.78 -11.14 2.64
CA SER B 36 -6.78 -10.60 3.61
C SER B 36 -7.31 -10.69 5.03
N GLY B 37 -8.54 -11.16 5.20
CA GLY B 37 -9.24 -11.27 6.49
C GLY B 37 -9.73 -9.91 6.99
N ASP B 38 -9.85 -8.93 6.10
CA ASP B 38 -10.33 -7.56 6.45
C ASP B 38 -11.85 -7.57 6.35
N THR B 39 -12.50 -6.98 7.35
CA THR B 39 -13.97 -6.82 7.45
C THR B 39 -14.30 -5.45 6.88
N PRO B 40 -15.59 -5.19 6.54
CA PRO B 40 -15.98 -3.84 6.18
C PRO B 40 -15.49 -2.81 7.22
N LEU B 41 -15.47 -3.18 8.51
CA LEU B 41 -15.11 -2.23 9.60
C LEU B 41 -13.62 -1.92 9.45
N HIS B 42 -12.80 -2.90 9.11
CA HIS B 42 -11.33 -2.69 8.87
C HIS B 42 -11.17 -1.68 7.74
N LEU B 43 -11.82 -1.93 6.61
CA LEU B 43 -11.61 -1.13 5.39
C LEU B 43 -12.10 0.32 5.60
N ALA B 44 -13.25 0.50 6.26
CA ALA B 44 -13.81 1.85 6.48
C ALA B 44 -12.90 2.59 7.48
N ALA B 45 -12.46 1.94 8.54
CA ALA B 45 -11.57 2.52 9.57
C ALA B 45 -10.27 2.97 8.90
N MET B 46 -9.72 2.13 8.02
CA MET B 46 -8.43 2.42 7.35
C MET B 46 -8.59 3.64 6.44
N GLU B 47 -9.69 3.72 5.70
CA GLU B 47 -9.88 4.75 4.67
C GLU B 47 -10.53 6.02 5.26
N GLY B 48 -10.86 6.05 6.56
CA GLY B 48 -11.36 7.24 7.26
C GLY B 48 -12.84 7.50 7.01
N HIS B 49 -13.65 6.47 6.69
CA HIS B 49 -15.11 6.66 6.45
C HIS B 49 -15.92 6.53 7.75
N LEU B 50 -16.07 7.65 8.43
CA LEU B 50 -16.56 7.63 9.83
C LEU B 50 -18.03 7.14 9.83
N GLU B 51 -18.86 7.69 8.95
CA GLU B 51 -20.31 7.36 8.99
C GLU B 51 -20.47 5.87 8.73
N ILE B 52 -19.69 5.33 7.80
CA ILE B 52 -19.75 3.88 7.47
C ILE B 52 -19.34 3.11 8.73
N VAL B 53 -18.23 3.51 9.37
CA VAL B 53 -17.81 2.87 10.64
C VAL B 53 -19.01 2.80 11.61
N GLU B 54 -19.72 3.93 11.79
CA GLU B 54 -20.84 4.01 12.78
C GLU B 54 -21.97 3.06 12.37
N VAL B 55 -22.29 3.03 11.08
CA VAL B 55 -23.36 2.14 10.52
C VAL B 55 -22.95 0.69 10.76
N LEU B 56 -21.69 0.34 10.49
CA LEU B 56 -21.23 -1.05 10.66
C LEU B 56 -21.28 -1.43 12.13
N LEU B 57 -20.84 -0.56 13.05
CA LEU B 57 -20.84 -0.95 14.47
C LEU B 57 -22.30 -1.14 14.91
N LYS B 58 -23.21 -0.25 14.52
CA LYS B 58 -24.58 -0.29 15.10
C LYS B 58 -25.33 -1.49 14.50
N THR B 59 -24.84 -2.09 13.40
CA THR B 59 -25.44 -3.30 12.76
C THR B 59 -24.65 -4.58 13.12
N GLY B 60 -23.74 -4.53 14.10
CA GLY B 60 -23.16 -5.69 14.78
C GLY B 60 -21.76 -6.04 14.29
N ALA B 61 -21.05 -5.12 13.63
CA ALA B 61 -19.61 -5.31 13.28
C ALA B 61 -18.82 -5.67 14.53
N ASP B 62 -17.92 -6.67 14.39
CA ASP B 62 -16.99 -7.17 15.43
C ASP B 62 -15.87 -6.14 15.53
N VAL B 63 -15.84 -5.37 16.61
CA VAL B 63 -14.94 -4.21 16.74
C VAL B 63 -13.50 -4.72 16.88
N ASN B 64 -13.29 -5.95 17.36
CA ASN B 64 -11.92 -6.47 17.63
C ASN B 64 -11.52 -7.62 16.67
N ALA B 65 -12.16 -7.74 15.51
CA ALA B 65 -11.74 -8.63 14.41
C ALA B 65 -10.29 -8.32 14.00
N HIS B 66 -9.51 -9.39 13.84
CA HIS B 66 -8.08 -9.36 13.42
C HIS B 66 -8.01 -9.82 11.97
N ASP B 67 -7.36 -9.05 11.10
CA ASP B 67 -7.08 -9.52 9.73
C ASP B 67 -5.80 -10.39 9.77
N LEU B 68 -5.36 -10.84 8.60
CA LEU B 68 -4.26 -11.82 8.43
C LEU B 68 -2.91 -11.22 8.88
N GLU B 69 -2.79 -9.90 8.93
CA GLU B 69 -1.62 -9.21 9.52
C GLU B 69 -1.75 -9.03 11.04
N GLY B 70 -2.90 -9.38 11.64
CA GLY B 70 -3.17 -9.17 13.07
C GLY B 70 -3.63 -7.76 13.38
N TYR B 71 -3.99 -6.94 12.38
CA TYR B 71 -4.56 -5.58 12.61
C TYR B 71 -6.04 -5.72 13.02
N THR B 72 -6.44 -5.00 14.05
CA THR B 72 -7.84 -4.63 14.36
C THR B 72 -8.18 -3.33 13.64
N PRO B 73 -9.46 -2.97 13.49
CA PRO B 73 -9.79 -1.65 12.95
C PRO B 73 -9.08 -0.49 13.70
N LEU B 74 -8.92 -0.61 15.02
CA LEU B 74 -8.26 0.45 15.79
C LEU B 74 -6.80 0.62 15.34
N HIS B 75 -6.08 -0.45 15.05
CA HIS B 75 -4.70 -0.39 14.48
C HIS B 75 -4.74 0.48 13.22
N LEU B 76 -5.70 0.22 12.34
CA LEU B 76 -5.76 0.89 11.03
C LEU B 76 -6.13 2.36 11.19
N ALA B 77 -7.15 2.68 11.99
CA ALA B 77 -7.55 4.05 12.33
C ALA B 77 -6.37 4.80 12.98
N ALA B 78 -5.64 4.19 13.90
CA ALA B 78 -4.48 4.83 14.57
C ALA B 78 -3.34 5.12 13.57
N TYR B 79 -2.94 4.15 12.77
CA TYR B 79 -1.85 4.29 11.77
C TYR B 79 -2.22 5.40 10.81
N HIS B 80 -3.45 5.36 10.29
CA HIS B 80 -3.89 6.24 9.19
C HIS B 80 -4.38 7.60 9.71
N GLY B 81 -4.37 7.83 11.03
CA GLY B 81 -4.56 9.19 11.56
C GLY B 81 -6.03 9.61 11.64
N HIS B 82 -6.96 8.65 11.75
CA HIS B 82 -8.41 8.95 11.82
C HIS B 82 -8.88 9.05 13.26
N LEU B 83 -8.75 10.23 13.84
CA LEU B 83 -8.97 10.41 15.29
C LEU B 83 -10.43 10.13 15.64
N GLU B 84 -11.38 10.68 14.88
CA GLU B 84 -12.83 10.53 15.21
C GLU B 84 -13.15 9.03 15.23
N ILE B 85 -12.57 8.28 14.32
CA ILE B 85 -12.82 6.82 14.21
C ILE B 85 -12.18 6.13 15.41
N VAL B 86 -10.96 6.51 15.76
CA VAL B 86 -10.33 5.90 16.96
C VAL B 86 -11.31 6.05 18.14
N GLU B 87 -11.88 7.25 18.34
CA GLU B 87 -12.79 7.56 19.47
C GLU B 87 -14.02 6.68 19.39
N VAL B 88 -14.61 6.55 18.20
CA VAL B 88 -15.84 5.75 18.04
C VAL B 88 -15.52 4.25 18.33
N LEU B 89 -14.36 3.77 17.89
CA LEU B 89 -13.99 2.36 18.04
C LEU B 89 -13.82 2.09 19.54
N LEU B 90 -13.12 2.99 20.22
CA LEU B 90 -12.86 2.86 21.67
C LEU B 90 -14.19 2.87 22.43
N LYS B 91 -15.09 3.79 22.10
CA LYS B 91 -16.45 3.86 22.72
C LYS B 91 -17.29 2.61 22.39
N ALA B 92 -17.01 1.90 21.30
CA ALA B 92 -17.64 0.62 20.95
C ALA B 92 -16.89 -0.61 21.51
N GLY B 93 -15.92 -0.44 22.41
CA GLY B 93 -15.24 -1.53 23.13
C GLY B 93 -14.02 -2.08 22.40
N ALA B 94 -13.41 -1.32 21.50
CA ALA B 94 -12.14 -1.75 20.86
C ALA B 94 -11.10 -2.02 21.97
N ASP B 95 -10.30 -3.08 21.80
CA ASP B 95 -9.16 -3.45 22.69
C ASP B 95 -7.97 -2.51 22.44
N VAL B 96 -7.74 -1.60 23.37
CA VAL B 96 -6.77 -0.48 23.23
C VAL B 96 -5.35 -1.04 23.08
N ASN B 97 -5.09 -2.26 23.58
CA ASN B 97 -3.74 -2.86 23.67
C ASN B 97 -3.65 -4.12 22.81
N ALA B 98 -4.57 -4.33 21.86
CA ALA B 98 -4.48 -5.40 20.84
C ALA B 98 -3.11 -5.26 20.14
N TRP B 99 -2.51 -6.39 19.76
CA TRP B 99 -1.15 -6.46 19.16
C TRP B 99 -1.29 -7.18 17.83
N ASP B 100 -0.59 -6.72 16.79
CA ASP B 100 -0.62 -7.33 15.44
C ASP B 100 0.49 -8.39 15.39
N SER B 101 0.81 -8.88 14.19
CA SER B 101 1.71 -10.05 13.99
C SER B 101 3.18 -9.67 14.23
N TYR B 102 3.47 -8.41 14.57
CA TYR B 102 4.82 -7.93 14.98
C TYR B 102 4.77 -7.35 16.40
N GLY B 103 3.66 -7.57 17.13
CA GLY B 103 3.46 -7.09 18.51
C GLY B 103 3.26 -5.59 18.57
N TYR B 104 2.90 -4.97 17.45
CA TYR B 104 2.58 -3.52 17.44
C TYR B 104 1.17 -3.39 17.99
N THR B 105 1.05 -2.50 18.96
CA THR B 105 -0.22 -1.96 19.51
C THR B 105 -0.63 -0.73 18.71
N PRO B 106 -1.89 -0.26 18.87
CA PRO B 106 -2.28 1.02 18.30
C PRO B 106 -1.39 2.19 18.78
N LEU B 107 -0.95 2.19 20.04
CA LEU B 107 -0.11 3.32 20.53
C LEU B 107 1.25 3.30 19.80
N HIS B 108 1.80 2.11 19.53
CA HIS B 108 3.01 1.97 18.68
C HIS B 108 2.75 2.65 17.32
N LEU B 109 1.64 2.29 16.68
CA LEU B 109 1.37 2.80 15.31
C LEU B 109 1.13 4.31 15.32
N ALA B 110 0.46 4.87 16.33
CA ALA B 110 0.22 6.33 16.44
C ALA B 110 1.54 7.03 16.72
N ALA B 111 2.40 6.43 17.55
CA ALA B 111 3.71 7.00 17.92
C ALA B 111 4.60 7.05 16.68
N MET B 112 4.63 5.94 15.95
CA MET B 112 5.42 5.71 14.71
C MET B 112 5.00 6.75 13.66
N THR B 113 3.71 7.07 13.52
CA THR B 113 3.19 7.96 12.45
C THR B 113 3.06 9.41 12.92
N GLY B 114 3.28 9.72 14.19
CA GLY B 114 3.27 11.12 14.64
C GLY B 114 1.89 11.68 14.93
N HIS B 115 0.90 10.84 15.25
CA HIS B 115 -0.50 11.27 15.49
C HIS B 115 -0.65 11.57 16.99
N LEU B 116 -0.34 12.80 17.39
CA LEU B 116 -0.26 13.23 18.82
C LEU B 116 -1.64 13.09 19.47
N GLU B 117 -2.69 13.65 18.87
CA GLU B 117 -4.06 13.58 19.45
C GLU B 117 -4.47 12.13 19.65
N ILE B 118 -4.09 11.22 18.74
CA ILE B 118 -4.52 9.81 18.84
C ILE B 118 -3.73 9.17 19.99
N VAL B 119 -2.44 9.51 20.10
CA VAL B 119 -1.63 9.02 21.24
C VAL B 119 -2.35 9.36 22.54
N GLU B 120 -2.80 10.59 22.70
CA GLU B 120 -3.45 11.11 23.93
C GLU B 120 -4.75 10.33 24.16
N VAL B 121 -5.56 10.05 23.13
CA VAL B 121 -6.87 9.37 23.41
C VAL B 121 -6.54 7.93 23.77
N LEU B 122 -5.57 7.31 23.09
CA LEU B 122 -5.18 5.90 23.38
C LEU B 122 -4.73 5.81 24.86
N LEU B 123 -3.97 6.79 25.34
CA LEU B 123 -3.41 6.75 26.72
C LEU B 123 -4.56 6.83 27.71
N LYS B 124 -5.51 7.73 27.45
CA LYS B 124 -6.71 7.94 28.29
C LYS B 124 -7.49 6.61 28.42
N HIS B 125 -7.49 5.76 27.38
CA HIS B 125 -8.20 4.46 27.37
C HIS B 125 -7.30 3.30 27.83
N GLY B 126 -6.16 3.60 28.46
CA GLY B 126 -5.29 2.60 29.13
C GLY B 126 -4.27 1.97 28.21
N ALA B 127 -3.86 2.63 27.12
CA ALA B 127 -2.75 2.15 26.27
C ALA B 127 -1.53 1.95 27.19
N ASP B 128 -0.84 0.84 26.98
CA ASP B 128 0.35 0.39 27.75
C ASP B 128 1.64 1.03 27.20
N VAL B 129 2.16 2.11 27.83
CA VAL B 129 3.46 2.76 27.45
C VAL B 129 4.63 1.75 27.47
N ASN B 130 4.50 0.62 28.16
CA ASN B 130 5.61 -0.34 28.39
C ASN B 130 5.50 -1.49 27.40
N ALA B 131 4.44 -1.54 26.58
CA ALA B 131 4.25 -2.60 25.57
C ALA B 131 5.48 -2.60 24.64
N GLN B 132 5.98 -3.79 24.30
CA GLN B 132 7.18 -4.02 23.46
C GLN B 132 6.74 -4.81 22.24
N ASP B 133 7.15 -4.33 21.05
CA ASP B 133 7.02 -5.04 19.75
C ASP B 133 7.99 -6.21 19.68
N LYS B 134 7.99 -6.91 18.54
CA LYS B 134 8.85 -8.08 18.22
C LYS B 134 10.32 -7.72 18.43
N PHE B 135 10.67 -6.44 18.35
CA PHE B 135 12.06 -5.91 18.39
C PHE B 135 12.35 -5.19 19.71
N GLY B 136 11.53 -5.39 20.76
CA GLY B 136 11.78 -4.86 22.11
C GLY B 136 11.53 -3.37 22.21
N LYS B 137 10.86 -2.78 21.20
CA LYS B 137 10.68 -1.31 21.16
C LYS B 137 9.34 -0.96 21.80
N THR B 138 9.36 0.08 22.64
CA THR B 138 8.14 0.75 23.17
C THR B 138 7.67 1.81 22.17
N PRO B 139 6.41 2.27 22.26
CA PRO B 139 5.96 3.44 21.51
C PRO B 139 6.88 4.68 21.62
N PHE B 140 7.44 4.91 22.81
CA PHE B 140 8.42 5.99 23.05
C PHE B 140 9.63 5.82 22.09
N ASP B 141 10.13 4.59 22.00
CA ASP B 141 11.31 4.27 21.17
C ASP B 141 10.98 4.49 19.69
N LEU B 142 9.79 4.07 19.23
CA LEU B 142 9.35 4.30 17.82
C LEU B 142 9.24 5.82 17.63
N ALA B 143 8.69 6.56 18.60
CA ALA B 143 8.60 8.03 18.50
C ALA B 143 10.01 8.64 18.30
N ILE B 144 10.96 8.23 19.13
CA ILE B 144 12.37 8.75 19.06
C ILE B 144 12.99 8.41 17.70
N ASP B 145 12.82 7.17 17.20
CA ASP B 145 13.42 6.66 15.95
C ASP B 145 12.90 7.48 14.77
N ASN B 146 11.63 7.90 14.81
CA ASN B 146 10.95 8.54 13.66
C ASN B 146 10.91 10.03 13.91
N GLY B 147 11.60 10.51 14.94
CA GLY B 147 11.77 11.96 15.21
C GLY B 147 10.49 12.66 15.62
N ASN B 148 9.62 11.98 16.39
CA ASN B 148 8.34 12.54 16.88
C ASN B 148 8.49 12.94 18.36
N GLU B 149 8.85 14.20 18.61
CA GLU B 149 9.37 14.67 19.93
C GLU B 149 8.20 15.07 20.85
N ASP B 150 7.19 15.74 20.29
CA ASP B 150 5.98 16.13 21.05
C ASP B 150 5.38 14.86 21.68
N ILE B 151 5.35 13.75 20.92
CA ILE B 151 4.79 12.43 21.34
C ILE B 151 5.72 11.77 22.38
N ALA B 152 7.03 11.80 22.13
CA ALA B 152 8.07 11.24 23.03
C ALA B 152 7.92 11.83 24.44
N GLU B 153 7.80 13.16 24.56
CA GLU B 153 7.67 13.89 25.85
C GLU B 153 6.41 13.38 26.55
N VAL B 154 5.29 13.37 25.82
CA VAL B 154 3.96 12.95 26.34
C VAL B 154 4.04 11.53 26.91
N LEU B 155 4.67 10.59 26.18
CA LEU B 155 4.79 9.14 26.56
C LEU B 155 5.70 8.98 27.79
N GLN B 156 6.67 9.88 27.93
CA GLN B 156 7.64 9.86 29.08
C GLN B 156 6.86 10.22 30.35
N LYS B 157 6.12 11.33 30.31
CA LYS B 157 5.34 11.91 31.44
C LYS B 157 4.24 10.93 31.88
N ALA B 158 3.85 10.01 31.00
CA ALA B 158 2.86 8.95 31.26
C ALA B 158 3.53 7.64 31.72
N ALA B 159 4.87 7.59 31.74
CA ALA B 159 5.66 6.40 32.16
C ALA B 159 5.98 6.50 33.65
ZN ZN C . -5.31 -9.41 -5.30
#